data_9PWN
#
_entry.id   9PWN
#
_cell.length_a   51.650
_cell.length_b   71.760
_cell.length_c   105.530
_cell.angle_alpha   90.00
_cell.angle_beta   90.00
_cell.angle_gamma   90.00
#
_symmetry.space_group_name_H-M   'P 21 21 21'
#
loop_
_entity.id
_entity.type
_entity.pdbx_description
1 polymer '7411 Fab Heavy Chain'
2 polymer '7411 Fab Light Chain'
3 polymer 'TREM-2 stalk peptide'
4 non-polymer DI(HYDROXYETHYL)ETHER
5 non-polymer GLYCEROL
6 non-polymer 'SULFATE ION'
7 non-polymer 1,2-ETHANEDIOL
8 water water
#
loop_
_entity_poly.entity_id
_entity_poly.type
_entity_poly.pdbx_seq_one_letter_code
_entity_poly.pdbx_strand_id
1 'polypeptide(L)'
;EVQLLESGGGLVQPGGSLRLSCAASGFTFSERAMTWVRQAPGKGLEWVSSISGSGVKTYYADSVKGRFTISRDNSKNTLY
LQMNSLRAEDTAVYYCAKTPSPKYVGSVFDLWGRGTLVTVSSASTKGPSVFPLAPSSKSTSGGTAALGCLVKDYFPEPVT
VSWNSGALTSGVHTFPAVLQSSGLYSLSSVVTVPSSSLGTQTYICNVNHKPSNTKVDKKVE
;
H
2 'polypeptide(L)'
;DIQMTQSPSSLSASVGDRVTITCRASQSISSYLNWYQQKPGKAPKLLIYAASSLQSGVPSRFSGSGSGTDFTLTISSLQP
EDFATYYCQQSYSTPYTFGQGTKLEIKRTVAAPSVFIFPPSDEQLKSGTASVVCLLNNFYPREAKVQWKVDNALQSGNSQ
ESVTEQDSKDSTYSLSSTLTLSKADYEKHKVYACEVTHQGLSSPVTKSFNRG
;
L
3 'polypeptide(L)' DPLDHRDAGDLWFPGESE A
#
loop_
_chem_comp.id
_chem_comp.type
_chem_comp.name
_chem_comp.formula
EDO non-polymer 1,2-ETHANEDIOL 'C2 H6 O2'
GOL non-polymer GLYCEROL 'C3 H8 O3'
PEG non-polymer DI(HYDROXYETHYL)ETHER 'C4 H10 O3'
SO4 non-polymer 'SULFATE ION' 'O4 S -2'
#
# COMPACT_ATOMS: atom_id res chain seq x y z
N GLU A 1 -24.31 -0.48 -8.66
CA GLU A 1 -25.50 0.25 -8.14
C GLU A 1 -25.09 1.03 -6.89
N VAL A 2 -24.64 0.30 -5.87
CA VAL A 2 -24.25 0.92 -4.61
C VAL A 2 -22.83 1.46 -4.74
N GLN A 3 -22.62 2.70 -4.31
CA GLN A 3 -21.33 3.37 -4.45
C GLN A 3 -21.12 4.33 -3.29
N LEU A 4 -19.85 4.43 -2.87
CA LEU A 4 -19.39 5.38 -1.87
C LEU A 4 -18.20 6.11 -2.47
N LEU A 5 -18.14 7.43 -2.31
CA LEU A 5 -17.06 8.18 -2.92
C LEU A 5 -16.57 9.28 -1.98
N GLU A 6 -15.30 9.18 -1.60
CA GLU A 6 -14.70 10.08 -0.63
C GLU A 6 -14.17 11.30 -1.38
N SER A 7 -14.35 12.47 -0.76
N SER A 7 -14.24 12.46 -0.76
CA SER A 7 -13.76 13.75 -1.17
CA SER A 7 -13.35 13.51 -1.19
C SER A 7 -12.92 14.30 -0.01
C SER A 7 -12.86 14.28 0.01
N GLY A 8 -12.04 15.27 -0.28
CA GLY A 8 -11.37 16.03 0.75
C GLY A 8 -10.00 15.42 0.97
N GLY A 9 -9.28 15.89 1.96
CA GLY A 9 -7.96 15.33 2.19
C GLY A 9 -6.95 16.16 1.42
N GLY A 10 -5.73 15.67 1.33
CA GLY A 10 -4.65 16.52 0.86
C GLY A 10 -3.64 16.73 1.98
N LEU A 11 -2.69 17.64 1.73
CA LEU A 11 -1.61 17.92 2.65
C LEU A 11 -2.02 19.01 3.64
N VAL A 12 -1.74 18.79 4.93
CA VAL A 12 -1.94 19.80 5.96
C VAL A 12 -0.74 19.78 6.92
N GLN A 13 -0.54 20.90 7.60
CA GLN A 13 0.49 21.04 8.61
C GLN A 13 0.03 20.38 9.91
N PRO A 14 0.97 19.86 10.73
CA PRO A 14 0.65 19.47 12.10
C PRO A 14 -0.08 20.59 12.84
N GLY A 15 -1.15 20.23 13.54
CA GLY A 15 -1.99 21.21 14.20
C GLY A 15 -3.14 21.68 13.31
N GLY A 16 -3.07 21.34 12.03
CA GLY A 16 -4.05 21.82 11.05
C GLY A 16 -5.36 21.05 11.09
N SER A 17 -6.23 21.36 10.11
CA SER A 17 -7.56 20.79 10.01
C SER A 17 -7.87 20.36 8.56
N LEU A 18 -8.80 19.41 8.46
CA LEU A 18 -9.36 18.91 7.21
C LEU A 18 -10.82 18.56 7.48
N ARG A 19 -11.57 18.39 6.40
CA ARG A 19 -12.87 17.73 6.46
C ARG A 19 -13.00 16.77 5.29
N LEU A 20 -13.14 15.48 5.59
CA LEU A 20 -13.43 14.48 4.58
C LEU A 20 -14.94 14.37 4.42
N SER A 21 -15.38 14.05 3.20
CA SER A 21 -16.78 13.79 2.90
C SER A 21 -16.86 12.47 2.14
N CYS A 22 -17.98 11.77 2.33
CA CYS A 22 -18.26 10.51 1.68
C CYS A 22 -19.71 10.53 1.19
N ALA A 23 -19.87 10.45 -0.14
CA ALA A 23 -21.15 10.54 -0.81
C ALA A 23 -21.69 9.13 -1.11
N ALA A 24 -22.90 8.86 -0.63
CA ALA A 24 -23.53 7.55 -0.76
C ALA A 24 -24.56 7.55 -1.89
N SER A 25 -24.51 6.50 -2.74
CA SER A 25 -25.52 6.25 -3.76
C SER A 25 -25.99 4.78 -3.71
N GLY A 26 -27.28 4.59 -4.00
CA GLY A 26 -27.82 3.28 -4.34
C GLY A 26 -28.34 2.52 -3.13
N PHE A 27 -28.36 3.14 -1.95
CA PHE A 27 -29.00 2.51 -0.79
C PHE A 27 -29.64 3.60 0.05
N THR A 28 -30.47 3.17 1.01
CA THR A 28 -31.13 4.08 1.93
C THR A 28 -30.14 4.47 3.01
N PHE A 29 -29.57 5.67 2.90
CA PHE A 29 -28.40 6.01 3.68
C PHE A 29 -28.76 6.10 5.15
N SER A 30 -29.94 6.65 5.46
CA SER A 30 -30.32 6.95 6.83
C SER A 30 -30.51 5.69 7.65
N GLU A 31 -30.62 4.54 6.99
CA GLU A 31 -30.88 3.30 7.71
C GLU A 31 -29.56 2.61 8.10
N ARG A 32 -28.42 3.15 7.65
CA ARG A 32 -27.17 2.42 7.79
C ARG A 32 -26.14 3.22 8.59
N ALA A 33 -25.55 2.54 9.59
CA ALA A 33 -24.37 3.04 10.26
C ALA A 33 -23.24 3.14 9.23
N MET A 34 -22.32 4.08 9.45
CA MET A 34 -21.20 4.31 8.55
C MET A 34 -19.91 4.40 9.37
N THR A 35 -18.78 4.09 8.73
CA THR A 35 -17.51 3.98 9.42
C THR A 35 -16.43 4.63 8.57
N TRP A 36 -15.41 5.17 9.24
CA TRP A 36 -14.15 5.53 8.61
C TRP A 36 -13.06 4.55 9.05
N VAL A 37 -12.34 4.00 8.08
CA VAL A 37 -11.16 3.17 8.32
C VAL A 37 -9.99 3.81 7.58
N ARG A 38 -8.79 3.76 8.14
CA ARG A 38 -7.62 4.33 7.44
C ARG A 38 -6.50 3.30 7.31
N GLN A 39 -5.57 3.60 6.40
CA GLN A 39 -4.48 2.73 6.04
C GLN A 39 -3.22 3.57 5.75
N ALA A 40 -2.28 3.56 6.70
CA ALA A 40 -1.02 4.29 6.56
C ALA A 40 -0.21 3.66 5.43
N PRO A 41 0.65 4.43 4.72
CA PRO A 41 1.44 3.89 3.62
C PRO A 41 2.26 2.67 4.02
N GLY A 42 2.05 1.58 3.27
CA GLY A 42 2.74 0.32 3.50
C GLY A 42 2.38 -0.34 4.83
N LYS A 43 1.20 -0.04 5.39
CA LYS A 43 0.81 -0.62 6.66
C LYS A 43 -0.61 -1.20 6.54
N GLY A 44 -1.16 -1.60 7.68
CA GLY A 44 -2.43 -2.29 7.69
C GLY A 44 -3.60 -1.34 7.90
N LEU A 45 -4.74 -1.92 8.32
CA LEU A 45 -6.00 -1.20 8.47
C LEU A 45 -6.21 -0.84 9.94
N GLU A 46 -6.72 0.38 10.15
CA GLU A 46 -7.01 0.88 11.48
C GLU A 46 -8.37 1.56 11.48
N TRP A 47 -9.24 1.12 12.40
CA TRP A 47 -10.54 1.74 12.56
C TRP A 47 -10.41 3.13 13.18
N VAL A 48 -11.13 4.10 12.62
CA VAL A 48 -11.09 5.46 13.12
C VAL A 48 -12.33 5.82 13.93
N SER A 49 -13.50 5.68 13.31
CA SER A 49 -14.74 6.17 13.90
C SER A 49 -15.94 5.50 13.22
N SER A 50 -17.05 5.35 13.97
CA SER A 50 -18.31 4.91 13.40
C SER A 50 -19.45 5.78 13.93
N ILE A 51 -20.55 5.83 13.17
CA ILE A 51 -21.72 6.66 13.49
C ILE A 51 -22.99 5.89 13.16
N SER A 52 -23.97 5.94 14.07
CA SER A 52 -25.26 5.30 13.82
C SER A 52 -25.95 5.96 12.63
N GLY A 53 -26.82 5.18 11.97
CA GLY A 53 -27.69 5.70 10.92
C GLY A 53 -28.31 7.06 11.25
N SER A 54 -28.80 7.18 12.49
CA SER A 54 -29.50 8.37 12.98
C SER A 54 -28.56 9.56 13.22
N GLY A 55 -27.28 9.27 13.44
CA GLY A 55 -26.30 10.30 13.71
C GLY A 55 -26.18 10.61 15.21
N VAL A 56 -26.92 9.88 16.04
CA VAL A 56 -27.09 10.18 17.46
C VAL A 56 -25.90 9.63 18.26
N LYS A 57 -25.43 8.45 17.85
CA LYS A 57 -24.37 7.75 18.57
C LYS A 57 -23.09 7.77 17.73
N THR A 58 -22.00 8.21 18.36
CA THR A 58 -20.70 8.22 17.74
C THR A 58 -19.72 7.41 18.58
N TYR A 59 -18.64 6.99 17.91
CA TYR A 59 -17.64 6.11 18.49
C TYR A 59 -16.31 6.46 17.86
N TYR A 60 -15.23 6.51 18.65
CA TYR A 60 -13.93 6.94 18.15
C TYR A 60 -12.81 6.03 18.67
N ALA A 61 -11.76 5.89 17.86
CA ALA A 61 -10.50 5.42 18.39
C ALA A 61 -9.99 6.42 19.43
N ASP A 62 -9.34 5.93 20.47
CA ASP A 62 -8.89 6.83 21.52
C ASP A 62 -7.91 7.89 20.98
N SER A 63 -7.05 7.49 20.04
CA SER A 63 -6.04 8.41 19.53
C SER A 63 -6.64 9.59 18.75
N VAL A 64 -7.92 9.52 18.38
CA VAL A 64 -8.53 10.60 17.59
C VAL A 64 -9.66 11.28 18.34
N LYS A 65 -10.04 10.75 19.52
CA LYS A 65 -11.13 11.35 20.26
C LYS A 65 -10.79 12.80 20.60
N GLY A 66 -11.76 13.70 20.44
CA GLY A 66 -11.53 15.09 20.83
C GLY A 66 -10.56 15.81 19.89
N ARG A 67 -10.18 15.16 18.79
CA ARG A 67 -9.55 15.83 17.66
C ARG A 67 -10.47 15.69 16.44
N PHE A 68 -11.04 14.50 16.24
CA PHE A 68 -11.87 14.23 15.08
C PHE A 68 -13.33 14.20 15.52
N THR A 69 -14.23 14.61 14.61
CA THR A 69 -15.66 14.49 14.80
C THR A 69 -16.27 13.81 13.58
N ILE A 70 -16.96 12.70 13.81
CA ILE A 70 -17.72 12.05 12.77
C ILE A 70 -19.14 12.62 12.82
N SER A 71 -19.69 12.84 11.63
CA SER A 71 -21.02 13.38 11.49
C SER A 71 -21.63 12.90 10.17
N ARG A 72 -22.93 13.14 10.01
CA ARG A 72 -23.58 12.81 8.75
C ARG A 72 -24.73 13.76 8.48
N ASP A 73 -25.04 13.89 7.20
CA ASP A 73 -26.21 14.61 6.77
C ASP A 73 -27.13 13.64 6.05
N ASN A 74 -28.16 13.16 6.73
CA ASN A 74 -29.09 12.18 6.15
C ASN A 74 -29.87 12.81 4.99
N SER A 75 -30.04 14.14 4.99
CA SER A 75 -30.80 14.78 3.95
C SER A 75 -30.05 14.79 2.62
N LYS A 76 -28.72 14.69 2.66
CA LYS A 76 -27.91 14.79 1.46
C LYS A 76 -26.98 13.59 1.29
N ASN A 77 -27.28 12.49 1.99
CA ASN A 77 -26.61 11.22 1.72
C ASN A 77 -25.11 11.35 1.90
N THR A 78 -24.66 12.08 2.94
CA THR A 78 -23.25 12.43 3.06
C THR A 78 -22.75 12.14 4.48
N LEU A 79 -21.56 11.53 4.56
CA LEU A 79 -20.87 11.21 5.80
C LEU A 79 -19.62 12.09 5.85
N TYR A 80 -19.30 12.62 7.03
CA TYR A 80 -18.16 13.49 7.20
C TYR A 80 -17.20 12.97 8.27
N LEU A 81 -15.91 13.31 8.12
CA LEU A 81 -14.93 13.23 9.19
C LEU A 81 -14.24 14.60 9.28
N GLN A 82 -14.58 15.36 10.30
CA GLN A 82 -13.92 16.62 10.58
C GLN A 82 -12.69 16.34 11.43
N MET A 83 -11.53 16.82 10.97
CA MET A 83 -10.25 16.49 11.58
C MET A 83 -9.58 17.78 12.09
N ASN A 84 -9.25 17.80 13.39
CA ASN A 84 -8.57 18.93 14.00
C ASN A 84 -7.28 18.44 14.66
N SER A 85 -6.31 19.36 14.86
CA SER A 85 -5.07 19.05 15.56
C SER A 85 -4.38 17.85 14.93
N LEU A 86 -4.24 17.88 13.60
CA LEU A 86 -3.69 16.75 12.88
C LEU A 86 -2.23 16.53 13.26
N ARG A 87 -1.79 15.27 13.20
CA ARG A 87 -0.38 14.94 13.37
C ARG A 87 0.00 13.85 12.38
N ALA A 88 1.29 13.49 12.32
CA ALA A 88 1.73 12.60 11.25
C ALA A 88 1.20 11.18 11.47
N GLU A 89 0.82 10.85 12.70
CA GLU A 89 0.04 9.67 13.03
C GLU A 89 -1.12 9.52 12.04
N ASP A 90 -1.63 10.65 11.52
CA ASP A 90 -2.88 10.65 10.77
C ASP A 90 -2.69 10.48 9.27
N THR A 91 -1.43 10.50 8.80
CA THR A 91 -1.14 10.31 7.38
C THR A 91 -1.62 8.91 6.99
N ALA A 92 -2.51 8.85 6.00
CA ALA A 92 -3.13 7.59 5.58
C ALA A 92 -4.13 7.82 4.45
N VAL A 93 -4.46 6.73 3.76
CA VAL A 93 -5.64 6.64 2.94
C VAL A 93 -6.84 6.38 3.85
N TYR A 94 -7.86 7.24 3.75
CA TYR A 94 -9.09 7.13 4.53
C TYR A 94 -10.19 6.59 3.62
N TYR A 95 -10.86 5.55 4.11
CA TYR A 95 -11.98 4.91 3.44
C TYR A 95 -13.24 5.09 4.27
N CYS A 96 -14.34 5.40 3.60
CA CYS A 96 -15.64 5.27 4.27
C CYS A 96 -16.21 3.89 3.95
N ALA A 97 -17.00 3.35 4.88
CA ALA A 97 -17.58 2.04 4.66
C ALA A 97 -18.97 1.95 5.29
N LYS A 98 -19.90 1.43 4.48
CA LYS A 98 -21.24 1.08 4.93
C LYS A 98 -21.12 -0.02 5.97
N THR A 99 -21.84 0.13 7.08
CA THR A 99 -21.65 -0.74 8.22
C THR A 99 -23.01 -1.23 8.68
N PRO A 100 -23.57 -2.26 8.02
CA PRO A 100 -24.60 -3.07 8.66
C PRO A 100 -24.06 -3.60 9.99
N SER A 101 -24.94 -3.73 10.99
CA SER A 101 -24.53 -4.15 12.32
C SER A 101 -25.66 -4.96 12.91
N PRO A 102 -25.94 -6.15 12.33
CA PRO A 102 -27.07 -6.97 12.75
C PRO A 102 -26.88 -7.57 14.14
N LYS A 103 -28.01 -7.88 14.77
CA LYS A 103 -28.00 -8.59 16.04
C LYS A 103 -27.37 -9.97 15.80
N TYR A 104 -26.52 -10.36 16.77
CA TYR A 104 -25.78 -11.60 16.75
C TYR A 104 -24.85 -11.69 15.53
N VAL A 105 -24.40 -10.54 15.03
CA VAL A 105 -23.41 -10.45 13.97
C VAL A 105 -22.39 -9.37 14.31
N GLY A 106 -22.88 -8.19 14.68
CA GLY A 106 -22.03 -7.06 14.98
C GLY A 106 -21.70 -6.29 13.70
N SER A 107 -20.83 -5.29 13.83
CA SER A 107 -20.52 -4.42 12.71
C SER A 107 -19.72 -5.17 11.64
N VAL A 108 -20.05 -4.87 10.39
CA VAL A 108 -19.41 -5.48 9.24
C VAL A 108 -19.24 -4.36 8.21
N PHE A 109 -18.04 -4.23 7.63
CA PHE A 109 -17.79 -3.16 6.67
C PHE A 109 -18.03 -3.76 5.29
N ASP A 110 -19.29 -3.71 4.81
CA ASP A 110 -19.66 -4.56 3.68
C ASP A 110 -19.48 -3.87 2.32
N LEU A 111 -19.25 -2.57 2.34
CA LEU A 111 -18.98 -1.83 1.12
C LEU A 111 -18.06 -0.67 1.46
N TRP A 112 -16.97 -0.55 0.71
CA TRP A 112 -15.96 0.45 0.97
C TRP A 112 -15.81 1.40 -0.23
N GLY A 113 -15.46 2.63 0.05
CA GLY A 113 -15.20 3.61 -0.98
C GLY A 113 -13.82 3.36 -1.60
N ARG A 114 -13.36 4.32 -2.41
CA ARG A 114 -12.12 4.15 -3.12
C ARG A 114 -10.93 4.63 -2.30
N GLY A 115 -11.16 5.53 -1.33
CA GLY A 115 -10.11 6.03 -0.47
C GLY A 115 -9.63 7.42 -0.89
N THR A 116 -9.28 8.25 0.10
CA THR A 116 -8.66 9.54 -0.14
C THR A 116 -7.44 9.68 0.77
N LEU A 117 -6.38 10.31 0.23
CA LEU A 117 -5.10 10.41 0.92
C LEU A 117 -5.00 11.71 1.72
N VAL A 118 -4.66 11.55 2.99
CA VAL A 118 -4.38 12.66 3.90
C VAL A 118 -2.91 12.57 4.27
N THR A 119 -2.16 13.65 4.07
CA THR A 119 -0.75 13.75 4.43
C THR A 119 -0.58 14.90 5.42
N VAL A 120 0.07 14.61 6.57
CA VAL A 120 0.32 15.62 7.59
C VAL A 120 1.83 15.77 7.74
N SER A 121 2.36 16.98 7.51
CA SER A 121 3.78 17.24 7.44
C SER A 121 4.03 18.74 7.55
N SER A 122 5.21 19.11 8.07
CA SER A 122 5.64 20.49 8.07
C SER A 122 6.15 20.90 6.69
N ALA A 123 6.43 19.91 5.83
CA ALA A 123 6.91 20.16 4.48
C ALA A 123 5.77 20.74 3.63
N SER A 124 6.11 21.70 2.78
CA SER A 124 5.18 22.25 1.83
C SER A 124 5.24 21.48 0.51
N THR A 125 4.22 21.70 -0.32
CA THR A 125 4.15 21.10 -1.64
C THR A 125 5.42 21.44 -2.41
N LYS A 126 5.96 20.43 -3.09
CA LYS A 126 7.19 20.57 -3.84
C LYS A 126 7.17 19.59 -5.01
N GLY A 127 7.45 20.12 -6.21
CA GLY A 127 7.53 19.34 -7.41
C GLY A 127 8.84 18.56 -7.45
N PRO A 128 8.86 17.39 -8.12
CA PRO A 128 10.09 16.62 -8.26
C PRO A 128 11.05 17.22 -9.29
N SER A 129 12.32 16.83 -9.14
CA SER A 129 13.25 16.88 -10.24
C SER A 129 13.26 15.50 -10.89
N VAL A 130 13.41 15.47 -12.20
CA VAL A 130 13.42 14.21 -12.92
C VAL A 130 14.81 14.01 -13.53
N PHE A 131 15.56 13.05 -12.98
CA PHE A 131 16.90 12.75 -13.41
C PHE A 131 16.93 11.42 -14.17
N PRO A 132 17.85 11.26 -15.13
CA PRO A 132 17.94 10.02 -15.90
C PRO A 132 18.64 8.92 -15.14
N LEU A 133 18.11 7.69 -15.26
CA LEU A 133 18.88 6.50 -14.93
C LEU A 133 19.41 5.88 -16.22
N ALA A 134 20.71 6.08 -16.49
CA ALA A 134 21.33 5.55 -17.68
C ALA A 134 22.40 4.51 -17.31
N PRO A 135 22.73 3.58 -18.23
CA PRO A 135 23.98 2.83 -18.15
C PRO A 135 25.22 3.73 -18.02
N SER A 136 26.23 3.24 -17.31
CA SER A 136 27.29 4.05 -16.74
C SER A 136 27.95 4.95 -17.79
N GLY A 142 24.34 -8.06 -20.88
CA GLY A 142 24.51 -8.63 -22.24
C GLY A 142 23.56 -7.98 -23.23
N GLY A 143 22.43 -8.66 -23.49
CA GLY A 143 21.48 -8.24 -24.51
C GLY A 143 20.43 -7.28 -23.94
N THR A 144 20.15 -7.43 -22.64
CA THR A 144 19.17 -6.58 -21.99
C THR A 144 19.89 -5.43 -21.30
N ALA A 145 19.33 -4.24 -21.44
CA ALA A 145 19.79 -3.08 -20.69
C ALA A 145 18.59 -2.51 -19.96
N ALA A 146 18.87 -1.78 -18.88
CA ALA A 146 17.85 -1.09 -18.12
C ALA A 146 18.07 0.41 -18.25
N LEU A 147 16.96 1.15 -18.35
CA LEU A 147 17.01 2.58 -18.12
C LEU A 147 15.75 2.98 -17.38
N GLY A 148 15.75 4.22 -16.89
CA GLY A 148 14.71 4.72 -16.00
C GLY A 148 14.84 6.21 -15.73
N CYS A 149 13.92 6.67 -14.88
CA CYS A 149 13.93 8.04 -14.37
C CYS A 149 13.77 7.99 -12.87
N LEU A 150 14.59 8.81 -12.20
CA LEU A 150 14.52 9.04 -10.77
C LEU A 150 13.73 10.32 -10.53
N VAL A 151 12.55 10.16 -9.94
CA VAL A 151 11.67 11.26 -9.61
C VAL A 151 11.90 11.59 -8.13
N LYS A 152 12.74 12.61 -7.90
CA LYS A 152 13.30 12.85 -6.58
C LYS A 152 12.75 14.13 -5.96
N ASP A 153 12.53 14.08 -4.64
CA ASP A 153 12.27 15.23 -3.78
C ASP A 153 10.97 15.96 -4.16
N TYR A 154 9.88 15.20 -4.14
CA TYR A 154 8.55 15.78 -4.30
C TYR A 154 7.74 15.56 -3.02
N PHE A 155 6.64 16.30 -2.95
CA PHE A 155 5.73 16.23 -1.84
C PHE A 155 4.42 16.98 -2.13
N PRO A 156 3.24 16.46 -1.77
CA PRO A 156 3.04 15.11 -1.27
C PRO A 156 2.93 14.07 -2.40
N GLU A 157 2.51 12.86 -2.05
CA GLU A 157 2.05 11.91 -3.06
C GLU A 157 0.75 12.38 -3.72
N PRO A 158 0.39 11.89 -4.92
CA PRO A 158 1.19 10.94 -5.68
C PRO A 158 1.84 11.55 -6.92
N VAL A 159 2.66 10.73 -7.57
CA VAL A 159 3.19 10.99 -8.90
C VAL A 159 2.80 9.80 -9.78
N THR A 160 2.55 10.07 -11.06
CA THR A 160 2.38 9.02 -12.06
C THR A 160 3.47 9.15 -13.11
N VAL A 161 3.88 8.01 -13.69
CA VAL A 161 4.90 7.96 -14.72
C VAL A 161 4.39 7.08 -15.86
N SER A 162 4.66 7.53 -17.09
CA SER A 162 4.52 6.76 -18.31
C SER A 162 5.83 6.78 -19.09
N TRP A 163 5.87 6.05 -20.20
CA TRP A 163 7.04 6.02 -21.05
C TRP A 163 6.63 6.26 -22.49
N ASN A 164 7.41 7.09 -23.18
CA ASN A 164 7.14 7.48 -24.56
C ASN A 164 5.66 7.83 -24.72
N SER A 165 5.14 8.63 -23.79
CA SER A 165 3.77 9.14 -23.81
C SER A 165 2.74 8.01 -23.84
N GLY A 166 3.07 6.88 -23.20
CA GLY A 166 2.16 5.74 -23.15
C GLY A 166 2.36 4.76 -24.31
N ALA A 167 3.39 4.99 -25.15
CA ALA A 167 3.66 4.09 -26.26
C ALA A 167 4.57 2.94 -25.81
N LEU A 168 5.09 3.03 -24.57
CA LEU A 168 5.96 1.99 -24.04
C LEU A 168 5.43 1.57 -22.68
N THR A 169 5.02 0.30 -22.56
CA THR A 169 4.42 -0.18 -21.32
C THR A 169 4.97 -1.54 -20.90
N SER A 170 5.41 -2.36 -21.86
CA SER A 170 5.94 -3.68 -21.53
C SER A 170 7.35 -3.54 -20.96
N GLY A 171 7.59 -4.21 -19.83
CA GLY A 171 8.89 -4.19 -19.19
C GLY A 171 9.06 -2.96 -18.30
N VAL A 172 7.97 -2.21 -18.12
CA VAL A 172 7.95 -1.03 -17.28
C VAL A 172 7.65 -1.43 -15.84
N HIS A 173 8.45 -0.90 -14.91
CA HIS A 173 8.15 -1.02 -13.51
C HIS A 173 8.33 0.33 -12.82
N THR A 174 7.27 0.79 -12.16
CA THR A 174 7.30 2.02 -11.39
C THR A 174 7.17 1.65 -9.92
N PHE A 175 8.15 2.03 -9.11
CA PHE A 175 8.23 1.56 -7.73
C PHE A 175 7.39 2.43 -6.82
N PRO A 176 6.91 1.88 -5.68
CA PRO A 176 6.37 2.70 -4.62
C PRO A 176 7.41 3.69 -4.12
N ALA A 177 6.94 4.88 -3.76
CA ALA A 177 7.81 5.94 -3.29
C ALA A 177 8.44 5.53 -1.97
N VAL A 178 9.60 6.13 -1.67
CA VAL A 178 10.18 6.08 -0.33
C VAL A 178 10.25 7.50 0.24
N LEU A 179 10.12 7.62 1.57
CA LEU A 179 10.31 8.87 2.28
C LEU A 179 11.78 8.98 2.68
N GLN A 180 12.44 10.06 2.20
CA GLN A 180 13.85 10.30 2.47
C GLN A 180 14.04 11.05 3.80
N SER A 181 15.31 11.27 4.16
CA SER A 181 15.68 11.95 5.39
C SER A 181 15.43 13.46 5.27
N SER A 182 15.16 13.91 4.05
CA SER A 182 14.77 15.30 3.79
C SER A 182 13.32 15.53 4.16
N GLY A 183 12.57 14.45 4.40
CA GLY A 183 11.13 14.52 4.60
C GLY A 183 10.38 14.57 3.26
N LEU A 184 11.10 14.42 2.15
CA LEU A 184 10.51 14.40 0.82
C LEU A 184 10.49 12.98 0.26
N TYR A 185 9.63 12.76 -0.76
CA TYR A 185 9.53 11.48 -1.43
C TYR A 185 10.48 11.39 -2.63
N SER A 186 10.77 10.13 -2.98
CA SER A 186 11.50 9.81 -4.17
C SER A 186 10.96 8.49 -4.71
N LEU A 187 10.91 8.36 -6.03
CA LEU A 187 10.69 7.04 -6.59
C LEU A 187 11.37 6.94 -7.94
N SER A 188 11.50 5.69 -8.38
CA SER A 188 12.05 5.40 -9.69
C SER A 188 11.06 4.60 -10.52
N SER A 189 11.15 4.83 -11.82
CA SER A 189 10.46 4.06 -12.82
C SER A 189 11.50 3.59 -13.82
N VAL A 190 11.44 2.30 -14.13
CA VAL A 190 12.48 1.70 -14.95
C VAL A 190 11.80 0.95 -16.10
N VAL A 191 12.57 0.75 -17.18
CA VAL A 191 12.18 -0.17 -18.21
C VAL A 191 13.41 -0.91 -18.73
N THR A 192 13.20 -2.17 -19.12
CA THR A 192 14.25 -2.94 -19.77
C THR A 192 13.96 -2.97 -21.27
N VAL A 193 15.03 -2.81 -22.06
CA VAL A 193 14.95 -2.75 -23.51
C VAL A 193 16.13 -3.52 -24.09
N PRO A 194 16.17 -3.78 -25.42
CA PRO A 194 17.33 -4.38 -26.05
C PRO A 194 18.57 -3.49 -25.96
N SER A 195 19.71 -4.08 -25.57
CA SER A 195 20.94 -3.34 -25.49
C SER A 195 21.30 -2.81 -26.88
N SER A 196 20.80 -3.51 -27.91
CA SER A 196 21.02 -3.12 -29.31
C SER A 196 20.33 -1.80 -29.62
N SER A 197 19.14 -1.59 -29.02
CA SER A 197 18.27 -0.49 -29.37
C SER A 197 18.77 0.83 -28.76
N LEU A 198 19.93 0.79 -28.08
CA LEU A 198 20.40 1.96 -27.36
C LEU A 198 21.17 2.87 -28.30
N GLY A 199 20.99 4.19 -28.12
CA GLY A 199 21.62 5.19 -28.96
C GLY A 199 21.01 5.23 -30.35
N THR A 200 19.85 4.59 -30.50
CA THR A 200 19.18 4.48 -31.79
C THR A 200 17.72 4.93 -31.66
N GLN A 201 17.03 4.43 -30.62
CA GLN A 201 15.68 4.86 -30.32
C GLN A 201 15.70 5.67 -29.03
N THR A 202 14.92 6.77 -28.99
CA THR A 202 14.91 7.66 -27.84
C THR A 202 13.87 7.16 -26.83
N TYR A 203 14.27 7.10 -25.56
CA TYR A 203 13.36 6.72 -24.49
C TYR A 203 13.10 7.94 -23.61
N ILE A 204 11.82 8.22 -23.41
CA ILE A 204 11.36 9.40 -22.71
C ILE A 204 10.42 8.97 -21.60
N CYS A 205 10.67 9.46 -20.39
CA CYS A 205 9.72 9.24 -19.30
C CYS A 205 8.89 10.50 -19.08
N ASN A 206 7.59 10.28 -18.82
CA ASN A 206 6.64 11.35 -18.62
C ASN A 206 6.13 11.29 -17.17
N VAL A 207 6.39 12.36 -16.42
CA VAL A 207 6.15 12.41 -14.98
C VAL A 207 5.12 13.50 -14.69
N ASN A 208 4.02 13.09 -14.03
CA ASN A 208 2.98 14.01 -13.62
C ASN A 208 2.94 14.07 -12.10
N HIS A 209 3.15 15.27 -11.53
CA HIS A 209 2.91 15.50 -10.11
C HIS A 209 1.87 16.61 -9.98
N LYS A 210 0.58 16.23 -9.86
CA LYS A 210 -0.51 17.20 -9.94
C LYS A 210 -0.44 18.22 -8.80
N PRO A 211 -0.05 17.81 -7.56
CA PRO A 211 -0.03 18.78 -6.45
C PRO A 211 0.79 20.03 -6.73
N SER A 212 1.88 19.91 -7.49
CA SER A 212 2.79 21.01 -7.76
C SER A 212 2.58 21.56 -9.16
N ASN A 213 1.67 20.96 -9.92
CA ASN A 213 1.55 21.20 -11.36
C ASN A 213 2.88 21.01 -12.07
N THR A 214 3.58 19.92 -11.76
CA THR A 214 4.78 19.51 -12.46
C THR A 214 4.38 18.47 -13.50
N LYS A 215 4.78 18.71 -14.74
CA LYS A 215 4.59 17.76 -15.81
C LYS A 215 5.82 17.81 -16.70
N VAL A 216 6.59 16.73 -16.69
CA VAL A 216 7.90 16.70 -17.31
C VAL A 216 7.97 15.53 -18.29
N ASP A 217 8.56 15.81 -19.45
CA ASP A 217 9.10 14.76 -20.32
C ASP A 217 10.61 14.79 -20.22
N LYS A 218 11.20 13.67 -19.79
CA LYS A 218 12.64 13.58 -19.63
C LYS A 218 13.21 12.57 -20.61
N LYS A 219 14.01 13.05 -21.55
CA LYS A 219 14.78 12.19 -22.45
C LYS A 219 15.87 11.50 -21.64
N VAL A 220 15.86 10.16 -21.64
CA VAL A 220 16.81 9.41 -20.84
C VAL A 220 18.00 8.98 -21.69
N GLU A 221 17.73 8.37 -22.85
CA GLU A 221 18.80 8.06 -23.80
C GLU A 221 18.26 8.22 -25.23
N ASP B 1 -6.79 -2.65 24.09
CA ASP B 1 -7.71 -3.06 23.00
C ASP B 1 -7.53 -4.56 22.74
N ILE B 2 -8.43 -5.12 21.93
CA ILE B 2 -8.37 -6.53 21.61
C ILE B 2 -7.36 -6.72 20.50
N GLN B 3 -6.22 -7.36 20.83
CA GLN B 3 -5.14 -7.51 19.88
C GLN B 3 -5.41 -8.72 18.99
N MET B 4 -5.35 -8.52 17.66
CA MET B 4 -5.57 -9.57 16.69
C MET B 4 -4.24 -9.90 16.01
N THR B 5 -3.82 -11.15 16.15
CA THR B 5 -2.56 -11.64 15.59
C THR B 5 -2.85 -12.70 14.52
N GLN B 6 -2.48 -12.41 13.28
CA GLN B 6 -2.63 -13.34 12.19
C GLN B 6 -1.35 -14.13 11.98
N SER B 7 -1.53 -15.35 11.50
CA SER B 7 -0.45 -16.26 11.19
C SER B 7 -0.75 -17.05 9.92
N PRO B 8 0.16 -17.09 8.92
CA PRO B 8 1.39 -16.31 8.91
C PRO B 8 1.19 -14.88 8.40
N SER B 9 2.24 -14.06 8.50
CA SER B 9 2.24 -12.72 7.94
C SER B 9 2.32 -12.77 6.41
N SER B 10 3.05 -13.77 5.92
CA SER B 10 3.35 -13.95 4.51
C SER B 10 3.19 -15.43 4.17
N LEU B 11 2.63 -15.72 2.99
CA LEU B 11 2.34 -17.08 2.58
C LEU B 11 2.46 -17.17 1.06
N SER B 12 3.30 -18.09 0.58
CA SER B 12 3.45 -18.39 -0.83
C SER B 12 2.77 -19.71 -1.15
N ALA B 13 1.88 -19.69 -2.14
CA ALA B 13 1.19 -20.90 -2.51
C ALA B 13 0.83 -20.82 -3.98
N SER B 14 0.33 -21.95 -4.49
CA SER B 14 0.15 -22.13 -5.92
C SER B 14 -1.33 -22.35 -6.19
N VAL B 15 -1.74 -22.14 -7.44
CA VAL B 15 -3.10 -22.46 -7.86
C VAL B 15 -3.40 -23.92 -7.54
N GLY B 16 -4.59 -24.16 -7.00
CA GLY B 16 -5.02 -25.49 -6.62
C GLY B 16 -4.75 -25.80 -5.16
N ASP B 17 -3.86 -25.04 -4.52
CA ASP B 17 -3.44 -25.33 -3.16
C ASP B 17 -4.55 -25.02 -2.17
N ARG B 18 -4.49 -25.73 -1.04
CA ARG B 18 -5.32 -25.44 0.11
C ARG B 18 -4.46 -24.72 1.14
N VAL B 19 -4.88 -23.52 1.55
CA VAL B 19 -4.14 -22.80 2.57
C VAL B 19 -5.06 -22.40 3.72
N THR B 20 -4.45 -22.26 4.91
CA THR B 20 -5.13 -21.87 6.14
C THR B 20 -4.42 -20.68 6.75
N ILE B 21 -5.17 -19.62 7.01
CA ILE B 21 -4.67 -18.44 7.70
C ILE B 21 -5.35 -18.42 9.07
N THR B 22 -4.53 -18.21 10.11
CA THR B 22 -5.04 -18.18 11.48
C THR B 22 -5.13 -16.73 11.95
N CYS B 23 -6.14 -16.48 12.79
CA CYS B 23 -6.33 -15.22 13.47
C CYS B 23 -6.62 -15.53 14.94
N ARG B 24 -5.82 -14.95 15.85
CA ARG B 24 -5.97 -15.17 17.28
C ARG B 24 -6.31 -13.85 17.97
N ALA B 25 -7.31 -13.88 18.87
CA ALA B 25 -7.71 -12.73 19.66
C ALA B 25 -7.03 -12.80 21.04
N SER B 26 -6.69 -11.64 21.59
CA SER B 26 -6.06 -11.54 22.89
C SER B 26 -7.06 -11.80 24.02
N GLN B 27 -8.36 -11.81 23.68
CA GLN B 27 -9.40 -12.21 24.61
C GLN B 27 -10.56 -12.80 23.81
N SER B 28 -11.46 -13.53 24.48
N SER B 28 -11.53 -13.43 24.50
CA SER B 28 -12.58 -14.14 23.77
CA SER B 28 -12.62 -14.15 23.84
C SER B 28 -13.39 -13.03 23.10
C SER B 28 -13.59 -13.17 23.18
N ILE B 29 -13.79 -13.31 21.86
CA ILE B 29 -14.64 -12.41 21.10
C ILE B 29 -15.79 -13.21 20.48
N SER B 30 -16.12 -14.38 21.08
CA SER B 30 -17.22 -15.21 20.58
C SER B 30 -17.02 -15.47 19.08
N SER B 31 -17.99 -15.16 18.22
CA SER B 31 -17.82 -15.41 16.79
C SER B 31 -17.85 -14.12 15.97
N TYR B 32 -17.54 -12.98 16.61
CA TYR B 32 -17.67 -11.68 15.99
C TYR B 32 -16.35 -11.30 15.31
N LEU B 33 -16.06 -12.01 14.21
CA LEU B 33 -14.81 -11.87 13.51
C LEU B 33 -15.10 -11.86 12.02
N ASN B 34 -14.65 -10.81 11.33
CA ASN B 34 -14.85 -10.67 9.90
C ASN B 34 -13.52 -10.84 9.17
N TRP B 35 -13.59 -11.18 7.88
CA TRP B 35 -12.41 -11.24 7.03
C TRP B 35 -12.60 -10.34 5.81
N TYR B 36 -11.52 -9.65 5.45
CA TYR B 36 -11.49 -8.78 4.28
C TYR B 36 -10.33 -9.21 3.38
N GLN B 37 -10.53 -8.94 2.09
CA GLN B 37 -9.53 -9.17 1.06
C GLN B 37 -9.14 -7.83 0.44
N GLN B 38 -7.84 -7.64 0.18
CA GLN B 38 -7.36 -6.41 -0.44
C GLN B 38 -6.31 -6.74 -1.50
N LYS B 39 -6.58 -6.29 -2.72
CA LYS B 39 -5.61 -6.34 -3.81
C LYS B 39 -4.84 -5.03 -3.92
N PRO B 40 -3.65 -5.05 -4.55
CA PRO B 40 -2.83 -3.85 -4.66
C PRO B 40 -3.59 -2.69 -5.29
N GLY B 41 -3.45 -1.50 -4.69
CA GLY B 41 -4.02 -0.26 -5.20
C GLY B 41 -5.55 -0.23 -5.12
N LYS B 42 -6.13 -1.09 -4.30
CA LYS B 42 -7.59 -1.15 -4.23
C LYS B 42 -8.01 -1.14 -2.77
N ALA B 43 -9.25 -0.71 -2.56
CA ALA B 43 -9.86 -0.77 -1.25
C ALA B 43 -10.16 -2.23 -0.89
N PRO B 44 -10.21 -2.54 0.42
CA PRO B 44 -10.64 -3.85 0.87
C PRO B 44 -12.08 -4.19 0.47
N LYS B 45 -12.38 -5.49 0.42
CA LYS B 45 -13.74 -5.97 0.25
C LYS B 45 -14.05 -7.00 1.34
N LEU B 46 -15.31 -7.09 1.77
CA LEU B 46 -15.73 -8.12 2.70
C LEU B 46 -15.72 -9.50 2.04
N LEU B 47 -15.20 -10.49 2.78
CA LEU B 47 -15.27 -11.89 2.39
C LEU B 47 -16.25 -12.65 3.27
N ILE B 48 -15.99 -12.61 4.57
CA ILE B 48 -16.69 -13.43 5.53
C ILE B 48 -17.05 -12.57 6.74
N TYR B 49 -18.24 -12.80 7.30
CA TYR B 49 -18.64 -12.12 8.53
C TYR B 49 -19.14 -13.14 9.55
N ALA B 50 -19.06 -12.73 10.83
CA ALA B 50 -19.46 -13.55 11.96
C ALA B 50 -18.80 -14.93 11.88
N ALA B 51 -17.49 -14.92 11.59
CA ALA B 51 -16.60 -16.08 11.60
C ALA B 51 -16.74 -16.94 10.34
N SER B 52 -17.97 -17.08 9.80
CA SER B 52 -18.29 -18.18 8.92
C SER B 52 -19.20 -17.83 7.74
N SER B 53 -19.93 -16.72 7.81
CA SER B 53 -20.97 -16.45 6.82
C SER B 53 -20.33 -15.77 5.61
N LEU B 54 -20.61 -16.28 4.41
CA LEU B 54 -20.05 -15.75 3.18
C LEU B 54 -20.82 -14.50 2.76
N GLN B 55 -20.09 -13.45 2.37
CA GLN B 55 -20.68 -12.30 1.69
C GLN B 55 -21.20 -12.77 0.32
N SER B 56 -22.29 -12.16 -0.13
CA SER B 56 -22.80 -12.35 -1.48
C SER B 56 -21.67 -12.23 -2.49
N GLY B 57 -21.58 -13.23 -3.36
CA GLY B 57 -20.64 -13.20 -4.48
C GLY B 57 -19.28 -13.79 -4.11
N VAL B 58 -19.12 -14.27 -2.86
CA VAL B 58 -17.85 -14.88 -2.47
C VAL B 58 -17.94 -16.39 -2.73
N PRO B 59 -16.95 -16.99 -3.43
CA PRO B 59 -17.01 -18.41 -3.75
C PRO B 59 -16.91 -19.32 -2.53
N SER B 60 -17.49 -20.52 -2.69
CA SER B 60 -17.63 -21.48 -1.62
C SER B 60 -16.30 -22.12 -1.26
N ARG B 61 -15.25 -21.80 -2.03
CA ARG B 61 -13.92 -22.31 -1.71
C ARG B 61 -13.36 -21.55 -0.51
N PHE B 62 -13.96 -20.41 -0.18
CA PHE B 62 -13.63 -19.68 1.03
C PHE B 62 -14.51 -20.21 2.17
N SER B 63 -13.88 -20.60 3.27
CA SER B 63 -14.64 -20.92 4.46
C SER B 63 -13.90 -20.39 5.69
N GLY B 64 -14.67 -19.96 6.68
CA GLY B 64 -14.10 -19.54 7.94
C GLY B 64 -14.78 -20.29 9.09
N SER B 65 -14.06 -20.41 10.22
CA SER B 65 -14.68 -20.94 11.41
C SER B 65 -13.90 -20.49 12.63
N GLY B 66 -14.54 -20.61 13.79
CA GLY B 66 -13.90 -20.30 15.05
C GLY B 66 -14.88 -19.60 15.98
N SER B 67 -14.60 -19.70 17.29
N SER B 67 -14.61 -19.78 17.28
CA SER B 67 -15.34 -19.00 18.34
CA SER B 67 -15.26 -19.07 18.35
C SER B 67 -14.47 -18.96 19.60
C SER B 67 -14.16 -18.75 19.36
N GLY B 68 -14.40 -17.79 20.25
CA GLY B 68 -13.49 -17.59 21.37
C GLY B 68 -12.28 -16.76 20.94
N THR B 69 -11.10 -17.40 20.92
CA THR B 69 -9.88 -16.67 20.61
C THR B 69 -9.18 -17.19 19.35
N ASP B 70 -9.58 -18.34 18.80
CA ASP B 70 -8.85 -18.89 17.66
C ASP B 70 -9.78 -19.00 16.45
N PHE B 71 -9.33 -18.51 15.31
CA PHE B 71 -10.14 -18.49 14.10
C PHE B 71 -9.30 -18.90 12.89
N THR B 72 -10.00 -19.48 11.90
CA THR B 72 -9.38 -19.97 10.69
C THR B 72 -10.12 -19.45 9.45
N LEU B 73 -9.33 -19.06 8.44
CA LEU B 73 -9.81 -18.85 7.09
C LEU B 73 -9.12 -19.86 6.19
N THR B 74 -9.91 -20.75 5.58
CA THR B 74 -9.38 -21.79 4.71
C THR B 74 -9.80 -21.44 3.29
N ILE B 75 -8.82 -21.34 2.39
CA ILE B 75 -9.13 -21.24 0.97
C ILE B 75 -8.74 -22.56 0.31
N SER B 76 -9.73 -23.29 -0.18
CA SER B 76 -9.45 -24.52 -0.89
C SER B 76 -9.33 -24.19 -2.38
N SER B 77 -8.57 -25.02 -3.11
CA SER B 77 -8.27 -24.77 -4.52
C SER B 77 -8.10 -23.28 -4.79
N LEU B 78 -6.95 -22.72 -4.39
CA LEU B 78 -6.61 -21.33 -4.71
C LEU B 78 -6.73 -21.08 -6.21
N GLN B 79 -7.35 -19.94 -6.55
CA GLN B 79 -7.44 -19.48 -7.92
C GLN B 79 -6.61 -18.21 -8.05
N PRO B 80 -6.17 -17.85 -9.28
CA PRO B 80 -5.35 -16.66 -9.46
C PRO B 80 -5.91 -15.38 -8.83
N GLU B 81 -7.24 -15.24 -8.80
CA GLU B 81 -7.88 -14.00 -8.34
C GLU B 81 -7.88 -13.91 -6.81
N ASP B 82 -7.32 -14.93 -6.15
CA ASP B 82 -7.40 -15.06 -4.71
C ASP B 82 -6.11 -14.52 -4.08
N PHE B 83 -5.11 -14.24 -4.91
CA PHE B 83 -3.85 -13.76 -4.39
C PHE B 83 -4.02 -12.28 -4.04
N ALA B 84 -3.73 -11.95 -2.78
CA ALA B 84 -4.19 -10.71 -2.16
C ALA B 84 -3.69 -10.67 -0.73
N THR B 85 -4.01 -9.58 -0.01
CA THR B 85 -3.74 -9.50 1.42
C THR B 85 -5.06 -9.70 2.15
N TYR B 86 -5.03 -10.48 3.24
CA TYR B 86 -6.23 -10.82 3.97
C TYR B 86 -6.12 -10.23 5.37
N TYR B 87 -7.21 -9.67 5.89
CA TYR B 87 -7.24 -9.16 7.25
C TYR B 87 -8.41 -9.76 8.01
N CYS B 88 -8.18 -10.11 9.28
CA CYS B 88 -9.29 -10.34 10.18
C CYS B 88 -9.59 -9.07 10.97
N GLN B 89 -10.77 -9.05 11.61
CA GLN B 89 -11.24 -7.84 12.26
C GLN B 89 -12.34 -8.21 13.26
N GLN B 90 -12.16 -7.84 14.53
CA GLN B 90 -13.13 -8.18 15.56
C GLN B 90 -14.18 -7.09 15.72
N SER B 91 -15.43 -7.51 15.94
CA SER B 91 -16.57 -6.62 16.14
C SER B 91 -17.23 -6.84 17.50
N TYR B 92 -16.49 -7.50 18.40
CA TYR B 92 -16.96 -7.75 19.76
C TYR B 92 -17.09 -6.45 20.54
N SER B 93 -16.10 -5.54 20.36
CA SER B 93 -16.08 -4.30 21.11
C SER B 93 -15.37 -3.23 20.29
N THR B 94 -15.75 -1.97 20.49
CA THR B 94 -14.87 -0.88 20.09
C THR B 94 -13.71 -0.71 21.06
N PRO B 95 -12.51 -0.23 20.63
CA PRO B 95 -12.22 0.02 19.23
C PRO B 95 -12.19 -1.26 18.40
N TYR B 96 -12.82 -1.23 17.23
CA TYR B 96 -12.72 -2.34 16.29
C TYR B 96 -11.26 -2.45 15.83
N THR B 97 -10.71 -3.67 15.92
CA THR B 97 -9.31 -3.90 15.65
C THR B 97 -9.15 -4.96 14.55
N PHE B 98 -8.10 -4.77 13.76
CA PHE B 98 -7.74 -5.63 12.64
C PHE B 98 -6.43 -6.36 12.94
N GLY B 99 -6.31 -7.58 12.40
CA GLY B 99 -5.04 -8.25 12.30
C GLY B 99 -4.09 -7.45 11.42
N GLN B 100 -2.79 -7.79 11.50
CA GLN B 100 -1.76 -7.06 10.78
C GLN B 100 -1.74 -7.42 9.30
N GLY B 101 -2.48 -8.48 8.91
CA GLY B 101 -2.61 -8.84 7.50
C GLY B 101 -1.78 -10.08 7.15
N THR B 102 -2.22 -10.81 6.13
CA THR B 102 -1.49 -11.95 5.61
C THR B 102 -1.37 -11.78 4.10
N LYS B 103 -0.14 -11.57 3.61
CA LYS B 103 0.06 -11.40 2.19
C LYS B 103 0.20 -12.77 1.55
N LEU B 104 -0.79 -13.11 0.71
CA LEU B 104 -0.81 -14.40 0.02
C LEU B 104 -0.33 -14.20 -1.41
N GLU B 105 0.89 -14.65 -1.70
CA GLU B 105 1.47 -14.47 -3.01
C GLU B 105 1.51 -15.80 -3.75
N ILE B 106 1.63 -15.71 -5.07
CA ILE B 106 1.62 -16.90 -5.89
C ILE B 106 3.06 -17.39 -6.11
N LYS B 107 3.24 -18.70 -5.92
CA LYS B 107 4.48 -19.36 -6.26
C LYS B 107 4.65 -19.51 -7.77
N ARG B 108 5.91 -19.46 -8.22
CA ARG B 108 6.28 -19.76 -9.59
C ARG B 108 7.72 -20.26 -9.61
N THR B 109 8.24 -20.54 -10.81
CA THR B 109 9.61 -20.99 -11.02
C THR B 109 10.57 -19.91 -10.52
N VAL B 110 11.57 -20.32 -9.73
CA VAL B 110 12.60 -19.41 -9.26
C VAL B 110 13.20 -18.64 -10.44
N ALA B 111 13.38 -17.34 -10.28
CA ALA B 111 14.05 -16.52 -11.29
C ALA B 111 15.05 -15.59 -10.61
N ALA B 112 16.34 -15.75 -10.96
CA ALA B 112 17.40 -14.91 -10.42
C ALA B 112 17.19 -13.49 -10.95
N PRO B 113 17.53 -12.44 -10.17
CA PRO B 113 17.43 -11.08 -10.68
C PRO B 113 18.48 -10.77 -11.74
N SER B 114 18.06 -9.99 -12.76
CA SER B 114 18.95 -9.26 -13.63
C SER B 114 19.31 -7.98 -12.88
N VAL B 115 20.61 -7.70 -12.73
CA VAL B 115 21.07 -6.61 -11.88
C VAL B 115 21.63 -5.50 -12.76
N PHE B 116 21.25 -4.24 -12.43
CA PHE B 116 21.72 -3.07 -13.13
C PHE B 116 22.07 -1.98 -12.12
N ILE B 117 23.17 -1.26 -12.38
CA ILE B 117 23.58 -0.14 -11.55
C ILE B 117 23.58 1.14 -12.38
N PHE B 118 23.09 2.24 -11.77
CA PHE B 118 22.98 3.51 -12.47
C PHE B 118 23.72 4.58 -11.67
N PRO B 119 24.65 5.31 -12.29
CA PRO B 119 25.31 6.43 -11.63
C PRO B 119 24.43 7.66 -11.49
N PRO B 120 24.77 8.55 -10.55
CA PRO B 120 24.16 9.89 -10.54
C PRO B 120 24.38 10.64 -11.85
N SER B 121 23.35 11.39 -12.25
CA SER B 121 23.42 12.25 -13.41
C SER B 121 24.19 13.52 -13.08
N ASP B 122 24.76 14.15 -14.10
CA ASP B 122 25.40 15.44 -13.96
C ASP B 122 24.38 16.46 -13.43
N GLU B 123 23.13 16.36 -13.91
CA GLU B 123 22.09 17.29 -13.50
C GLU B 123 21.89 17.22 -11.99
N GLN B 124 21.95 16.01 -11.41
CA GLN B 124 21.72 15.88 -9.98
C GLN B 124 22.90 16.47 -9.22
N LEU B 125 24.12 16.16 -9.69
CA LEU B 125 25.34 16.59 -9.03
C LEU B 125 25.38 18.11 -8.92
N LYS B 126 25.00 18.80 -10.00
CA LYS B 126 24.95 20.26 -10.00
C LYS B 126 24.01 20.75 -8.89
N SER B 127 23.03 19.91 -8.52
CA SER B 127 22.05 20.25 -7.51
C SER B 127 22.62 20.04 -6.11
N GLY B 128 23.69 19.24 -6.00
CA GLY B 128 24.42 19.12 -4.75
C GLY B 128 24.17 17.80 -4.01
N THR B 129 23.48 16.85 -4.65
CA THR B 129 23.35 15.50 -4.09
C THR B 129 23.70 14.47 -5.17
N ALA B 130 23.90 13.21 -4.72
CA ALA B 130 24.27 12.13 -5.61
C ALA B 130 23.51 10.86 -5.19
N SER B 131 22.63 10.39 -6.08
CA SER B 131 21.86 9.16 -5.84
C SER B 131 22.33 8.06 -6.78
N VAL B 132 22.80 6.94 -6.20
CA VAL B 132 23.22 5.79 -6.97
C VAL B 132 22.11 4.74 -6.87
N VAL B 133 21.72 4.14 -8.00
CA VAL B 133 20.58 3.26 -7.99
C VAL B 133 21.00 1.88 -8.47
N CYS B 134 20.52 0.87 -7.77
CA CYS B 134 20.69 -0.53 -8.14
C CYS B 134 19.30 -1.12 -8.40
N LEU B 135 19.13 -1.74 -9.57
CA LEU B 135 17.88 -2.39 -9.95
C LEU B 135 18.07 -3.91 -9.94
N LEU B 136 17.16 -4.60 -9.24
CA LEU B 136 17.01 -6.03 -9.32
C LEU B 136 15.72 -6.33 -10.09
N ASN B 137 15.85 -6.89 -11.30
CA ASN B 137 14.71 -6.98 -12.19
C ASN B 137 14.21 -8.41 -12.36
N ASN B 138 12.88 -8.57 -12.25
CA ASN B 138 12.16 -9.75 -12.72
C ASN B 138 12.66 -11.01 -12.04
N PHE B 139 12.52 -11.05 -10.71
CA PHE B 139 13.02 -12.16 -9.92
C PHE B 139 11.92 -12.74 -9.05
N TYR B 140 12.18 -13.96 -8.59
CA TYR B 140 11.32 -14.69 -7.68
C TYR B 140 12.11 -15.76 -6.93
N PRO B 141 11.99 -15.91 -5.60
CA PRO B 141 11.03 -15.19 -4.76
C PRO B 141 11.48 -13.79 -4.37
N ARG B 142 10.69 -13.17 -3.49
CA ARG B 142 10.81 -11.75 -3.15
C ARG B 142 12.11 -11.47 -2.39
N GLU B 143 12.57 -12.49 -1.64
CA GLU B 143 13.67 -12.34 -0.71
C GLU B 143 14.96 -12.11 -1.49
N ALA B 144 15.50 -10.91 -1.38
CA ALA B 144 16.78 -10.58 -1.99
C ALA B 144 17.51 -9.65 -1.02
N LYS B 145 18.85 -9.72 -1.02
CA LYS B 145 19.65 -8.84 -0.19
C LYS B 145 20.51 -8.00 -1.11
N VAL B 146 20.49 -6.67 -0.93
CA VAL B 146 21.37 -5.78 -1.65
C VAL B 146 22.37 -5.19 -0.65
N GLN B 147 23.66 -5.39 -0.95
CA GLN B 147 24.74 -4.91 -0.12
C GLN B 147 25.54 -3.90 -0.94
N TRP B 148 25.43 -2.61 -0.61
CA TRP B 148 26.24 -1.60 -1.26
C TRP B 148 27.66 -1.67 -0.72
N LYS B 149 28.63 -1.42 -1.60
CA LYS B 149 30.01 -1.28 -1.17
C LYS B 149 30.59 -0.07 -1.88
N VAL B 150 31.23 0.78 -1.08
CA VAL B 150 31.84 2.00 -1.55
C VAL B 150 33.33 1.89 -1.28
N ASP B 151 34.12 1.82 -2.36
CA ASP B 151 35.54 1.53 -2.28
C ASP B 151 35.79 0.36 -1.33
N ASN B 152 35.03 -0.73 -1.54
CA ASN B 152 35.18 -1.99 -0.80
C ASN B 152 34.57 -1.93 0.59
N ALA B 153 34.14 -0.76 1.06
CA ALA B 153 33.59 -0.64 2.40
C ALA B 153 32.09 -0.96 2.40
N LEU B 154 31.67 -1.84 3.32
CA LEU B 154 30.27 -2.21 3.43
C LEU B 154 29.44 -1.00 3.87
N GLN B 155 28.28 -0.86 3.23
CA GLN B 155 27.26 0.08 3.66
C GLN B 155 26.13 -0.72 4.30
N SER B 156 25.38 -0.09 5.19
CA SER B 156 24.21 -0.74 5.75
C SER B 156 23.38 0.31 6.48
N GLY B 157 22.12 0.47 6.04
CA GLY B 157 21.17 1.38 6.67
C GLY B 157 21.07 2.74 5.97
N ASN B 158 21.98 3.03 5.03
CA ASN B 158 21.99 4.35 4.41
C ASN B 158 21.45 4.28 2.97
N SER B 159 20.72 3.21 2.64
CA SER B 159 20.03 3.11 1.37
C SER B 159 18.54 2.85 1.62
N GLN B 160 17.72 3.20 0.62
CA GLN B 160 16.28 3.01 0.65
C GLN B 160 15.89 1.98 -0.40
N GLU B 161 15.20 0.92 0.00
CA GLU B 161 14.75 -0.12 -0.93
C GLU B 161 13.23 0.01 -1.12
N SER B 162 12.81 -0.23 -2.36
CA SER B 162 11.41 -0.30 -2.72
C SER B 162 11.19 -1.54 -3.60
N VAL B 163 10.07 -2.25 -3.40
CA VAL B 163 9.78 -3.45 -4.17
C VAL B 163 8.42 -3.28 -4.84
N THR B 164 8.31 -3.74 -6.09
CA THR B 164 7.02 -3.73 -6.77
C THR B 164 6.15 -4.82 -6.16
N GLU B 165 4.86 -4.74 -6.47
CA GLU B 165 3.95 -5.85 -6.27
C GLU B 165 4.30 -6.95 -7.27
N GLN B 166 3.78 -8.16 -7.00
CA GLN B 166 3.95 -9.26 -7.92
C GLN B 166 3.35 -8.93 -9.28
N ASP B 167 4.16 -9.12 -10.34
CA ASP B 167 3.81 -8.75 -11.70
C ASP B 167 2.64 -9.59 -12.20
N SER B 168 1.74 -8.94 -12.95
CA SER B 168 0.47 -9.56 -13.35
C SER B 168 0.69 -10.52 -14.51
N LYS B 169 1.72 -10.27 -15.34
CA LYS B 169 2.09 -11.18 -16.42
C LYS B 169 2.74 -12.45 -15.87
N ASP B 170 3.80 -12.29 -15.05
CA ASP B 170 4.71 -13.41 -14.84
C ASP B 170 5.01 -13.67 -13.37
N SER B 171 4.38 -12.91 -12.46
CA SER B 171 4.44 -13.17 -11.03
C SER B 171 5.86 -13.00 -10.45
N THR B 172 6.67 -12.18 -11.11
CA THR B 172 7.98 -11.80 -10.60
C THR B 172 7.88 -10.47 -9.85
N TYR B 173 8.95 -10.15 -9.13
CA TYR B 173 9.10 -8.87 -8.45
C TYR B 173 10.24 -8.10 -9.11
N SER B 174 10.27 -6.77 -8.88
CA SER B 174 11.48 -6.00 -9.08
C SER B 174 11.74 -5.16 -7.84
N LEU B 175 13.00 -4.78 -7.65
CA LEU B 175 13.46 -4.07 -6.47
C LEU B 175 14.44 -2.97 -6.89
N SER B 176 14.30 -1.81 -6.25
CA SER B 176 15.23 -0.71 -6.42
C SER B 176 15.85 -0.39 -5.06
N SER B 177 17.15 -0.14 -5.09
CA SER B 177 17.89 0.30 -3.92
C SER B 177 18.62 1.58 -4.26
N THR B 178 18.39 2.62 -3.45
CA THR B 178 18.94 3.93 -3.74
C THR B 178 19.90 4.32 -2.62
N LEU B 179 21.14 4.61 -3.01
CA LEU B 179 22.14 5.11 -2.09
C LEU B 179 22.32 6.61 -2.35
N THR B 180 22.02 7.44 -1.34
CA THR B 180 22.12 8.89 -1.54
C THR B 180 23.24 9.47 -0.67
N LEU B 181 24.09 10.28 -1.31
CA LEU B 181 25.19 10.94 -0.65
C LEU B 181 25.15 12.41 -1.06
N SER B 182 25.73 13.28 -0.23
CA SER B 182 26.05 14.63 -0.66
C SER B 182 27.01 14.55 -1.85
N LYS B 183 27.01 15.58 -2.69
CA LYS B 183 27.93 15.67 -3.81
C LYS B 183 29.36 15.43 -3.32
N ALA B 184 29.68 15.98 -2.14
CA ALA B 184 31.02 15.96 -1.59
C ALA B 184 31.44 14.53 -1.24
N ASP B 185 30.59 13.82 -0.51
CA ASP B 185 30.87 12.44 -0.12
C ASP B 185 31.00 11.58 -1.37
N TYR B 186 30.10 11.78 -2.34
CA TYR B 186 30.14 11.01 -3.58
C TYR B 186 31.52 11.18 -4.23
N GLU B 187 32.01 12.42 -4.31
CA GLU B 187 33.18 12.69 -5.12
C GLU B 187 34.47 12.29 -4.41
N LYS B 188 34.37 11.80 -3.16
CA LYS B 188 35.53 11.34 -2.42
C LYS B 188 35.81 9.85 -2.61
N HIS B 189 34.88 9.11 -3.21
CA HIS B 189 35.08 7.68 -3.40
C HIS B 189 35.09 7.37 -4.88
N LYS B 190 35.60 6.19 -5.23
CA LYS B 190 35.79 5.82 -6.62
C LYS B 190 34.83 4.71 -7.04
N VAL B 191 34.88 3.58 -6.34
CA VAL B 191 34.16 2.39 -6.78
C VAL B 191 32.83 2.28 -6.03
N TYR B 192 31.73 2.30 -6.80
CA TYR B 192 30.40 2.06 -6.29
C TYR B 192 29.93 0.69 -6.78
N ALA B 193 29.58 -0.18 -5.83
CA ALA B 193 29.22 -1.56 -6.13
C ALA B 193 27.95 -1.95 -5.36
N CYS B 194 27.10 -2.68 -6.08
CA CYS B 194 25.88 -3.30 -5.61
C CYS B 194 26.08 -4.80 -5.66
N GLU B 195 26.11 -5.45 -4.49
CA GLU B 195 26.33 -6.88 -4.41
C GLU B 195 25.02 -7.56 -4.01
N VAL B 196 24.55 -8.50 -4.85
CA VAL B 196 23.21 -9.04 -4.73
C VAL B 196 23.29 -10.52 -4.37
N THR B 197 22.52 -10.92 -3.34
CA THR B 197 22.35 -12.32 -2.97
C THR B 197 20.86 -12.68 -3.13
N HIS B 198 20.60 -13.88 -3.66
CA HIS B 198 19.23 -14.33 -3.91
C HIS B 198 19.24 -15.86 -4.08
N GLN B 199 18.11 -16.49 -3.77
CA GLN B 199 17.94 -17.93 -3.88
C GLN B 199 18.39 -18.47 -5.24
N GLY B 200 18.20 -17.69 -6.31
CA GLY B 200 18.45 -18.14 -7.66
C GLY B 200 19.92 -18.01 -8.08
N LEU B 201 20.77 -17.43 -7.21
CA LEU B 201 22.20 -17.26 -7.49
C LEU B 201 23.03 -18.17 -6.57
N SER B 202 23.97 -18.92 -7.14
CA SER B 202 24.80 -19.84 -6.36
C SER B 202 25.88 -19.07 -5.62
N SER B 203 26.24 -17.90 -6.14
CA SER B 203 27.10 -16.97 -5.44
C SER B 203 26.67 -15.54 -5.79
N PRO B 204 27.03 -14.52 -4.97
CA PRO B 204 26.54 -13.17 -5.19
C PRO B 204 26.95 -12.59 -6.52
N VAL B 205 26.11 -11.70 -7.06
CA VAL B 205 26.35 -11.00 -8.31
C VAL B 205 26.68 -9.54 -7.97
N THR B 206 27.80 -9.03 -8.50
CA THR B 206 28.18 -7.66 -8.21
C THR B 206 28.17 -6.86 -9.50
N LYS B 207 27.48 -5.71 -9.45
CA LYS B 207 27.56 -4.71 -10.49
C LYS B 207 28.20 -3.45 -9.91
N SER B 208 29.16 -2.90 -10.64
CA SER B 208 29.94 -1.78 -10.12
C SER B 208 30.23 -0.80 -11.24
N PHE B 209 30.53 0.45 -10.86
CA PHE B 209 31.18 1.38 -11.78
C PHE B 209 32.15 2.24 -10.98
N ASN B 210 33.18 2.76 -11.68
CA ASN B 210 34.11 3.73 -11.14
C ASN B 210 33.57 5.13 -11.48
N ARG B 211 33.46 5.99 -10.47
CA ARG B 211 32.95 7.33 -10.64
C ARG B 211 33.52 7.95 -11.92
N GLY B 212 32.60 8.40 -12.78
CA GLY B 212 32.94 8.94 -14.10
C GLY B 212 32.59 7.96 -15.20
N ASP C 1 -29.86 -12.02 3.42
CA ASP C 1 -28.91 -12.27 4.54
C ASP C 1 -29.12 -11.21 5.60
N PRO C 2 -28.50 -11.36 6.81
CA PRO C 2 -28.66 -10.38 7.88
C PRO C 2 -28.12 -8.97 7.55
N LEU C 3 -27.25 -8.87 6.55
CA LEU C 3 -26.68 -7.58 6.16
C LEU C 3 -27.77 -6.73 5.52
N ASP C 4 -28.87 -7.38 5.13
CA ASP C 4 -29.93 -6.72 4.39
C ASP C 4 -31.06 -6.30 5.32
N HIS C 5 -31.18 -6.94 6.49
CA HIS C 5 -32.25 -6.61 7.42
C HIS C 5 -32.28 -5.09 7.63
N ARG C 6 -33.44 -4.48 7.40
CA ARG C 6 -33.62 -3.06 7.64
C ARG C 6 -33.83 -2.85 9.14
N ASP C 7 -32.89 -2.17 9.79
CA ASP C 7 -33.04 -1.84 11.20
C ASP C 7 -32.81 -0.33 11.35
N ALA C 8 -32.76 0.15 12.59
CA ALA C 8 -32.70 1.59 12.84
C ALA C 8 -31.33 2.13 12.44
N GLY C 9 -30.35 1.24 12.34
CA GLY C 9 -29.02 1.60 11.90
C GLY C 9 -28.07 1.81 13.06
N ASP C 10 -28.39 1.27 14.25
CA ASP C 10 -27.49 1.40 15.39
C ASP C 10 -26.41 0.31 15.29
N LEU C 11 -25.26 0.57 15.92
CA LEU C 11 -24.27 -0.49 16.07
C LEU C 11 -24.80 -1.49 17.10
N TRP C 12 -24.61 -2.77 16.81
CA TRP C 12 -24.94 -3.83 17.75
C TRP C 12 -23.67 -4.39 18.39
N PHE C 13 -23.75 -4.60 19.71
CA PHE C 13 -22.68 -5.23 20.48
C PHE C 13 -23.23 -6.39 21.30
N PRO C 14 -22.46 -7.51 21.42
CA PRO C 14 -22.89 -8.65 22.20
C PRO C 14 -22.80 -8.38 23.70
N GLY C 15 -23.67 -9.05 24.46
CA GLY C 15 -23.70 -8.86 25.89
C GLY C 15 -22.90 -9.93 26.64
N GLU C 16 -22.35 -10.91 25.90
CA GLU C 16 -21.50 -11.94 26.47
C GLU C 16 -20.58 -12.53 25.39
N SER C 17 -19.53 -13.21 25.86
CA SER C 17 -18.59 -13.90 25.00
C SER C 17 -19.07 -15.34 24.77
C1 PEG D . -19.55 19.86 14.06
O1 PEG D . -20.25 21.00 13.63
C2 PEG D . -19.61 18.74 13.07
O2 PEG D . -19.82 19.28 11.77
C3 PEG D . -21.15 19.09 11.33
C4 PEG D . -21.18 18.30 10.06
O4 PEG D . -22.44 17.67 9.84
C1 GOL E . -28.35 8.62 -4.77
O1 GOL E . -28.37 9.12 -3.44
C2 GOL E . -29.43 7.58 -4.99
O2 GOL E . -28.94 6.57 -5.88
C3 GOL E . -29.92 6.93 -3.73
O3 GOL E . -30.31 5.56 -3.95
C1 GOL F . -26.39 20.83 -2.45
O1 GOL F . -26.85 20.66 -1.12
C2 GOL F . -27.53 20.90 -3.46
O2 GOL F . -28.09 22.21 -3.52
C3 GOL F . -28.60 19.90 -3.17
O3 GOL F . -28.15 18.60 -3.50
C1 GOL G . 18.54 8.23 -29.74
O1 GOL G . 18.50 9.40 -28.92
C2 GOL G . 19.20 8.48 -31.07
O2 GOL G . 18.38 9.33 -31.87
C3 GOL G . 20.60 9.07 -30.95
O3 GOL G . 20.57 10.44 -30.55
S SO4 H . 18.22 9.49 2.33
O1 SO4 H . 17.16 9.08 3.23
O2 SO4 H . 19.44 8.79 2.67
O3 SO4 H . 18.46 10.90 2.46
O4 SO4 H . 17.86 9.19 0.98
S SO4 I . 1.58 24.33 0.37
O1 SO4 I . 0.29 24.90 0.06
O2 SO4 I . 1.83 24.45 1.78
O3 SO4 I . 1.62 22.93 0.01
O4 SO4 I . 2.58 25.06 -0.37
S SO4 J . -19.33 13.73 19.13
O1 SO4 J . -20.48 14.55 18.83
O2 SO4 J . -19.47 13.17 20.45
O3 SO4 J . -18.14 14.53 19.09
O4 SO4 J . -19.25 12.68 18.16
S SO4 K . 9.13 -7.71 -18.67
O1 SO4 K . 10.48 -7.19 -18.61
O2 SO4 K . 8.41 -7.31 -17.49
O3 SO4 K . 8.48 -7.20 -19.85
O4 SO4 K . 9.18 -9.16 -18.75
S SO4 L . -31.03 -0.68 0.96
O1 SO4 L . -31.21 0.48 0.12
O2 SO4 L . -31.02 -0.28 2.34
O3 SO4 L . -32.11 -1.59 0.71
O4 SO4 L . -29.77 -1.32 0.65
C1 EDO M . -19.00 7.95 -10.37
O1 EDO M . -20.39 7.81 -10.52
C2 EDO M . -18.61 9.29 -9.87
O2 EDO M . -19.51 9.80 -8.90
S SO4 N . -11.60 -7.66 -7.26
O1 SO4 N . -11.51 -6.25 -7.56
O2 SO4 N . -12.98 -8.06 -7.19
O3 SO4 N . -10.96 -7.91 -5.99
O4 SO4 N . -10.92 -8.40 -8.30
S SO4 O . 23.00 -10.14 -14.26
O1 SO4 O . 23.03 -9.27 -13.12
O2 SO4 O . 22.66 -11.48 -13.83
O3 SO4 O . 22.03 -9.67 -15.21
O4 SO4 O . 24.29 -10.16 -14.89
S SO4 P . 24.97 -18.06 -10.54
O1 SO4 P . 25.76 -17.10 -9.80
O2 SO4 P . 24.08 -18.77 -9.65
O3 SO4 P . 24.19 -17.37 -11.55
O4 SO4 P . 25.84 -19.01 -11.19
C1 EDO Q . -2.94 -5.20 24.38
O1 EDO Q . -2.58 -4.09 25.18
C2 EDO Q . -3.73 -6.21 25.12
O2 EDO Q . -3.22 -7.53 24.95
C1 EDO R . 5.53 -15.76 8.80
O1 EDO R . 5.63 -15.06 7.59
C2 EDO R . 5.31 -14.84 9.93
O2 EDO R . 4.48 -15.39 10.93
C1 EDO S . -1.55 -24.28 4.71
O1 EDO S . -1.29 -23.06 5.36
C2 EDO S . -2.48 -25.15 5.45
O2 EDO S . -1.83 -25.82 6.51
#